data_1KHF
#
_entry.id   1KHF
#
_cell.length_a   45.251
_cell.length_b   60.679
_cell.length_c   62.032
_cell.angle_alpha   88.69
_cell.angle_beta   70.00
_cell.angle_gamma   72.54
#
_symmetry.space_group_name_H-M   'P 1'
#
loop_
_entity.id
_entity.type
_entity.pdbx_description
1 polymer 'Phosphoenolpyruvate Carboxykinase, cytosolic (GTP)'
2 non-polymer 'MANGANESE (II) ION'
3 non-polymer 'SODIUM ION'
4 non-polymer PHOSPHOENOLPYRUVATE
5 non-polymer 1,2-ETHANEDIOL
6 water water
#
_entity_poly.entity_id   1
_entity_poly.type   'polypeptide(L)'
_entity_poly.pdbx_seq_one_letter_code
;GELMPPQLQNGLNLSAKVVQGSLDSLPQAVREFLENNAELCQPDHIHICDGSEEENGRLLGQMEEEGILRRLKKYDNCWL
ALTDPRDVARIESKTVIVTQEQRDTVPIPKTGLSQLGRWMSEEDFEKAFNARFPGCMKGRTMYVIPFSMGPLGSPLSKIG
IELTDSPYVVASMRIMTRMGTPVLEALGDGEFVKCLHSVGCPLPLQKPLVNNWPCNPELTLIAHLPDRREIISFGSGYGG
NSLLGKKCFALRMASRLAKEEGWLAEHMLVLGITNPEGEKKYLAAAFPSACGKTNLAMMNPSLPGWKVECVGDDIAWMKF
DAQGHLRAINPENGFFGVAPGTSVKTNPNAIKTIQKNTIFTNVAETSDGGVYWEGIDEPLASGVTITSWKNKEWSSEDGE
PCAHPNSRFCTPASQCPIIDAAWESPEGVPIEGIIFGGRRPAGVPLVYEALSWQHGVFVGAAMRSEATAAAEHKGKIIMH
DPFAMRPFFGYNFGKYLAHWLSMAQHPAAKLPKIFHVNWFRKDKEGKFLWPGFGENSRVLEWMFNRIDGKASTKLTPIGY
IPKEDALNLKGLGHINMMELFSISKEFWDKEVEDIEKYLVDQVNADLPCEIEREILALKQRISQM
;
_entity_poly.pdbx_strand_id   A
#
loop_
_chem_comp.id
_chem_comp.type
_chem_comp.name
_chem_comp.formula
EDO non-polymer 1,2-ETHANEDIOL 'C2 H6 O2'
MN non-polymer 'MANGANESE (II) ION' 'Mn 2'
NA non-polymer 'SODIUM ION' 'Na 1'
PEP non-polymer PHOSPHOENOLPYRUVATE 'C3 H5 O6 P'
#
# COMPACT_ATOMS: atom_id res chain seq x y z
N ASN A 13 24.11 -4.40 33.38
CA ASN A 13 24.13 -3.14 32.58
C ASN A 13 22.88 -2.94 31.71
N LEU A 14 22.93 -3.44 30.46
CA LEU A 14 21.79 -3.23 29.55
C LEU A 14 20.61 -3.93 30.12
N SER A 15 20.85 -5.15 30.59
CA SER A 15 19.77 -5.95 31.15
C SER A 15 19.01 -5.17 32.21
N ALA A 16 19.69 -4.23 32.83
CA ALA A 16 19.06 -3.45 33.92
C ALA A 16 17.90 -2.56 33.42
N LYS A 17 17.88 -2.26 32.11
CA LYS A 17 16.87 -1.36 31.52
C LYS A 17 15.69 -2.12 30.90
N VAL A 18 15.84 -3.42 30.78
CA VAL A 18 14.75 -4.24 30.26
C VAL A 18 13.48 -4.38 31.17
N VAL A 19 12.36 -3.86 30.71
CA VAL A 19 11.16 -3.93 31.54
C VAL A 19 10.29 -5.11 31.09
N GLN A 20 10.64 -5.76 29.98
CA GLN A 20 9.92 -6.96 29.58
C GLN A 20 10.75 -7.90 28.73
N GLY A 21 10.72 -9.18 29.06
CA GLY A 21 11.44 -10.20 28.33
C GLY A 21 12.88 -10.28 28.83
N SER A 22 13.69 -11.09 28.18
CA SER A 22 15.07 -11.20 28.58
C SER A 22 16.07 -11.16 27.43
N LEU A 23 17.11 -10.38 27.59
CA LEU A 23 18.11 -10.36 26.59
C LEU A 23 18.46 -11.80 26.16
N ASP A 24 18.48 -12.74 27.12
CA ASP A 24 19.04 -14.08 26.87
C ASP A 24 18.18 -15.03 26.07
N SER A 25 17.02 -14.56 25.63
CA SER A 25 16.08 -15.39 24.86
C SER A 25 16.00 -14.84 23.45
N LEU A 26 16.76 -13.80 23.20
CA LEU A 26 16.78 -13.30 21.87
C LEU A 26 17.89 -14.06 21.18
N PRO A 27 17.67 -14.41 19.95
CA PRO A 27 18.73 -14.97 19.10
C PRO A 27 19.84 -13.98 19.17
N GLN A 28 21.08 -14.45 19.13
CA GLN A 28 22.26 -13.59 19.23
C GLN A 28 22.28 -12.43 18.22
N ALA A 29 21.98 -12.69 16.95
CA ALA A 29 22.00 -11.55 16.00
C ALA A 29 20.95 -10.48 16.39
N VAL A 30 19.80 -10.91 16.93
CA VAL A 30 18.77 -9.93 17.36
C VAL A 30 19.27 -9.19 18.53
N ARG A 31 19.93 -9.92 19.44
CA ARG A 31 20.52 -9.27 20.59
C ARG A 31 21.62 -8.26 20.18
N GLU A 32 22.46 -8.59 19.26
CA GLU A 32 23.47 -7.61 18.89
C GLU A 32 22.92 -6.30 18.25
N PHE A 33 21.98 -6.50 17.35
CA PHE A 33 21.26 -5.39 16.75
C PHE A 33 20.65 -4.49 17.84
N LEU A 34 19.99 -5.13 18.85
CA LEU A 34 19.33 -4.37 19.94
C LEU A 34 20.39 -3.62 20.76
N GLU A 35 21.46 -4.34 21.05
CA GLU A 35 22.55 -3.76 21.82
C GLU A 35 23.17 -2.58 21.12
N ASN A 36 23.52 -2.75 19.86
CA ASN A 36 24.14 -1.67 19.12
C ASN A 36 23.30 -0.41 19.09
N ASN A 37 21.99 -0.58 18.88
CA ASN A 37 21.08 0.62 18.75
C ASN A 37 20.60 1.26 20.09
N ALA A 38 20.47 0.43 21.13
CA ALA A 38 20.19 0.95 22.45
C ALA A 38 21.39 1.85 22.81
N GLU A 39 22.60 1.37 22.57
CA GLU A 39 23.78 2.19 22.95
C GLU A 39 23.79 3.50 22.19
N LEU A 40 23.46 3.41 20.91
CA LEU A 40 23.32 4.58 20.08
C LEU A 40 22.15 5.46 20.52
N CYS A 41 20.95 4.89 20.66
CA CYS A 41 19.77 5.75 20.88
C CYS A 41 19.56 6.26 22.32
N GLN A 42 20.19 5.54 23.23
CA GLN A 42 20.11 5.80 24.70
C GLN A 42 18.71 5.88 25.27
N PRO A 43 17.90 4.87 25.00
CA PRO A 43 16.56 4.85 25.55
C PRO A 43 16.67 4.60 27.06
N ASP A 44 15.74 5.09 27.87
CA ASP A 44 15.66 4.76 29.30
C ASP A 44 15.29 3.30 29.55
N HIS A 45 14.36 2.73 28.78
CA HIS A 45 14.08 1.32 28.94
C HIS A 45 13.98 0.54 27.63
N ILE A 46 14.09 -0.79 27.75
CA ILE A 46 13.90 -1.75 26.65
C ILE A 46 12.72 -2.66 26.94
N HIS A 47 11.75 -2.70 26.01
CA HIS A 47 10.58 -3.57 26.09
C HIS A 47 10.59 -4.53 24.90
N ILE A 48 10.75 -5.83 25.20
CA ILE A 48 10.81 -6.82 24.14
C ILE A 48 9.40 -7.21 23.87
N CYS A 49 8.85 -6.91 22.71
CA CYS A 49 7.43 -7.18 22.60
C CYS A 49 7.14 -8.64 22.48
N ASP A 50 6.04 -9.10 23.08
CA ASP A 50 5.68 -10.53 22.96
C ASP A 50 4.46 -10.78 22.09
N GLY A 51 3.76 -9.71 21.70
CA GLY A 51 2.63 -9.87 20.78
C GLY A 51 1.37 -10.20 21.54
N SER A 52 1.48 -10.34 22.87
CA SER A 52 0.23 -10.81 23.54
C SER A 52 -0.91 -9.81 23.65
N GLU A 53 -2.13 -10.32 23.79
CA GLU A 53 -3.30 -9.50 24.09
C GLU A 53 -3.04 -8.68 25.32
N GLU A 54 -2.50 -9.36 26.32
CA GLU A 54 -2.34 -8.67 27.57
C GLU A 54 -1.35 -7.50 27.40
N GLU A 55 -0.35 -7.68 26.57
CA GLU A 55 0.66 -6.60 26.35
C GLU A 55 -0.02 -5.49 25.58
N ASN A 56 -0.85 -5.91 24.63
CA ASN A 56 -1.52 -4.92 23.77
C ASN A 56 -2.43 -4.03 24.62
N GLY A 57 -3.20 -4.72 25.46
CA GLY A 57 -4.13 -4.09 26.37
C GLY A 57 -3.39 -3.20 27.29
N ARG A 58 -2.29 -3.71 27.83
CA ARG A 58 -1.47 -2.86 28.62
C ARG A 58 -1.05 -1.62 27.85
N LEU A 59 -0.59 -1.77 26.60
CA LEU A 59 -0.01 -0.60 25.89
C LEU A 59 -1.11 0.37 25.51
N LEU A 60 -2.30 -0.15 25.27
CA LEU A 60 -3.43 0.75 24.96
C LEU A 60 -3.70 1.68 26.17
N GLY A 61 -3.78 1.09 27.38
CA GLY A 61 -4.08 1.84 28.58
C GLY A 61 -3.03 2.92 28.75
N GLN A 62 -1.79 2.48 28.66
CA GLN A 62 -0.72 3.43 28.78
C GLN A 62 -0.89 4.54 27.76
N MET A 63 -1.27 4.17 26.54
CA MET A 63 -1.43 5.21 25.54
C MET A 63 -2.61 6.18 25.91
N GLU A 64 -3.73 5.64 26.40
CA GLU A 64 -4.86 6.42 26.85
C GLU A 64 -4.43 7.39 28.00
N GLU A 65 -3.74 6.87 29.04
CA GLU A 65 -3.26 7.73 30.16
C GLU A 65 -2.45 8.92 29.62
N GLU A 66 -1.61 8.68 28.63
CA GLU A 66 -0.74 9.71 28.07
C GLU A 66 -1.38 10.64 27.02
N GLY A 67 -2.63 10.35 26.63
CA GLY A 67 -3.32 11.20 25.67
C GLY A 67 -3.04 10.86 24.22
N ILE A 68 -2.21 9.82 23.99
CA ILE A 68 -1.91 9.40 22.60
C ILE A 68 -3.18 8.79 21.92
N LEU A 69 -3.99 8.00 22.65
CA LEU A 69 -5.17 7.47 22.05
C LEU A 69 -6.36 7.79 22.95
N ARG A 70 -7.53 7.85 22.32
CA ARG A 70 -8.79 7.92 23.03
C ARG A 70 -9.62 6.66 22.72
N ARG A 71 -10.34 6.18 23.71
CA ARG A 71 -11.28 5.11 23.47
C ARG A 71 -12.45 5.58 22.68
N LEU A 72 -12.97 4.69 21.85
CA LEU A 72 -14.16 4.94 21.06
C LEU A 72 -15.18 4.02 21.63
N LYS A 73 -15.90 4.51 22.63
CA LYS A 73 -16.78 3.66 23.38
C LYS A 73 -17.99 3.11 22.60
N LYS A 74 -18.24 3.58 21.37
CA LYS A 74 -19.40 3.05 20.65
C LYS A 74 -19.17 1.64 20.15
N TYR A 75 -17.91 1.20 20.23
CA TYR A 75 -17.56 -0.05 19.59
C TYR A 75 -16.74 -0.90 20.54
N ASP A 76 -16.50 -2.14 20.14
CA ASP A 76 -15.71 -3.05 20.92
C ASP A 76 -14.23 -2.82 20.66
N ASN A 77 -13.53 -2.28 21.66
CA ASN A 77 -12.09 -2.17 21.64
C ASN A 77 -11.52 -1.37 20.40
N CYS A 78 -12.12 -0.22 20.09
CA CYS A 78 -11.53 0.72 19.08
C CYS A 78 -10.99 1.96 19.73
N TRP A 79 -9.96 2.51 19.09
CA TRP A 79 -9.20 3.62 19.59
C TRP A 79 -8.88 4.64 18.50
N LEU A 80 -8.61 5.85 18.92
CA LEU A 80 -8.40 6.94 17.97
C LEU A 80 -7.16 7.72 18.41
N ALA A 81 -6.26 7.82 17.43
CA ALA A 81 -5.12 8.63 17.56
C ALA A 81 -5.29 9.91 16.80
N LEU A 82 -4.91 11.03 17.39
CA LEU A 82 -4.85 12.25 16.57
C LEU A 82 -3.42 12.71 16.41
N THR A 83 -2.98 13.15 15.26
CA THR A 83 -1.55 13.49 15.09
C THR A 83 -1.34 14.98 15.03
N ASP A 84 -0.07 15.33 15.10
CA ASP A 84 0.40 16.67 14.77
C ASP A 84 0.10 16.86 13.32
N PRO A 85 -0.48 17.99 12.94
CA PRO A 85 -0.87 18.22 11.55
C PRO A 85 0.27 18.31 10.58
N ARG A 86 1.50 18.36 11.08
CA ARG A 86 2.67 18.39 10.27
C ARG A 86 3.09 16.97 9.90
N ASP A 87 2.39 15.99 10.46
CA ASP A 87 2.78 14.57 10.34
C ASP A 87 1.56 13.77 10.04
N VAL A 88 1.07 13.87 8.82
CA VAL A 88 -0.23 13.24 8.56
C VAL A 88 -0.14 12.30 7.37
N ALA A 89 1.09 11.93 6.95
CA ALA A 89 1.22 11.11 5.74
C ALA A 89 2.60 10.67 5.45
N ARG A 90 2.71 9.55 4.74
CA ARG A 90 3.96 9.07 4.19
C ARG A 90 4.58 10.31 3.38
N ILE A 91 5.83 10.65 3.59
CA ILE A 91 6.34 11.80 2.86
C ILE A 91 7.44 11.43 1.86
N GLU A 92 7.15 11.52 0.58
CA GLU A 92 8.06 11.00 -0.39
C GLU A 92 9.31 11.93 -0.46
N SER A 93 9.16 13.20 -0.16
CA SER A 93 10.35 14.05 -0.35
C SER A 93 11.38 13.77 0.69
N LYS A 94 11.07 12.96 1.67
CA LYS A 94 12.02 12.75 2.74
C LYS A 94 12.39 11.27 2.70
N THR A 95 12.04 10.61 1.61
CA THR A 95 12.26 9.15 1.53
C THR A 95 13.35 8.87 0.50
N VAL A 96 14.36 8.10 0.88
CA VAL A 96 15.49 7.87 0.00
C VAL A 96 15.93 6.43 0.00
N ILE A 97 16.61 6.01 -1.02
CA ILE A 97 17.24 4.68 -0.94
C ILE A 97 18.76 4.89 -1.07
N VAL A 98 19.57 4.15 -0.30
CA VAL A 98 21.00 4.46 -0.28
C VAL A 98 21.82 3.35 -0.90
N THR A 99 22.55 3.65 -1.98
CA THR A 99 23.37 2.66 -2.65
C THR A 99 24.71 3.25 -3.09
N GLN A 100 25.69 2.38 -3.35
CA GLN A 100 27.03 2.79 -3.69
C GLN A 100 26.98 3.59 -5.02
N GLU A 101 26.21 3.11 -5.99
CA GLU A 101 25.99 3.76 -7.29
C GLU A 101 24.55 4.24 -7.50
N GLN A 102 24.38 5.43 -8.01
CA GLN A 102 23.04 6.03 -8.14
C GLN A 102 22.11 5.21 -9.09
N ARG A 103 22.72 4.72 -10.13
CA ARG A 103 22.04 4.00 -11.14
C ARG A 103 21.40 2.72 -10.66
N ASP A 104 21.91 2.11 -9.61
CA ASP A 104 21.27 0.88 -9.10
C ASP A 104 19.91 1.18 -8.53
N THR A 105 19.75 2.42 -8.12
CA THR A 105 18.53 2.91 -7.39
C THR A 105 17.49 3.64 -8.28
N VAL A 106 17.97 4.59 -9.09
CA VAL A 106 17.09 5.25 -10.04
C VAL A 106 17.81 5.40 -11.37
N PRO A 107 17.11 5.44 -12.51
CA PRO A 107 17.77 5.83 -13.78
C PRO A 107 18.23 7.31 -13.76
N ILE A 108 19.23 7.61 -14.53
CA ILE A 108 19.63 9.01 -14.63
C ILE A 108 18.79 9.58 -15.74
N PRO A 109 17.97 10.55 -15.44
CA PRO A 109 17.02 11.03 -16.46
C PRO A 109 17.68 11.95 -17.48
N LYS A 110 17.00 12.16 -18.59
CA LYS A 110 17.50 13.05 -19.65
C LYS A 110 17.48 14.49 -19.21
N THR A 111 16.40 14.89 -18.53
CA THR A 111 16.20 16.28 -18.05
C THR A 111 15.52 16.28 -16.72
N GLY A 112 15.53 17.40 -15.98
CA GLY A 112 14.91 17.41 -14.64
C GLY A 112 15.53 16.47 -13.57
N LEU A 113 14.83 16.25 -12.46
CA LEU A 113 15.25 15.33 -11.39
C LEU A 113 14.42 14.12 -11.63
N SER A 114 14.87 12.94 -11.21
CA SER A 114 14.09 11.74 -11.49
C SER A 114 12.89 11.84 -10.62
N GLN A 115 11.82 11.29 -11.15
CA GLN A 115 10.63 11.13 -10.37
C GLN A 115 10.44 9.65 -10.10
N LEU A 116 11.46 8.84 -10.35
CA LEU A 116 11.27 7.37 -10.16
C LEU A 116 11.90 6.88 -8.84
N GLY A 117 12.39 7.80 -8.02
CA GLY A 117 13.11 7.40 -6.79
C GLY A 117 13.98 8.58 -6.30
N ARG A 118 14.57 8.46 -5.14
CA ARG A 118 15.42 9.54 -4.62
C ARG A 118 16.62 8.89 -3.99
N TRP A 119 17.73 8.93 -4.66
CA TRP A 119 18.92 8.28 -4.16
C TRP A 119 19.66 9.23 -3.26
N MET A 120 20.26 8.65 -2.22
CA MET A 120 21.22 9.34 -1.35
C MET A 120 22.51 8.55 -1.28
N SER A 121 23.65 9.27 -1.33
CA SER A 121 24.96 8.56 -1.31
C SER A 121 25.20 7.99 0.06
N GLU A 122 26.06 6.96 0.16
CA GLU A 122 26.33 6.39 1.48
C GLU A 122 27.02 7.49 2.32
N GLU A 123 27.86 8.30 1.75
CA GLU A 123 28.51 9.37 2.52
C GLU A 123 27.46 10.37 3.06
N ASP A 124 26.49 10.74 2.22
CA ASP A 124 25.50 11.67 2.69
C ASP A 124 24.62 11.03 3.74
N PHE A 125 24.29 9.75 3.57
CA PHE A 125 23.41 9.17 4.55
C PHE A 125 24.15 9.04 5.90
N GLU A 126 25.42 8.74 5.84
CA GLU A 126 26.17 8.61 7.14
C GLU A 126 26.12 9.96 7.94
N LYS A 127 26.21 11.12 7.26
CA LYS A 127 26.11 12.40 7.99
C LYS A 127 24.70 12.63 8.43
N ALA A 128 23.76 12.30 7.58
CA ALA A 128 22.37 12.52 7.93
C ALA A 128 22.06 11.69 9.16
N PHE A 129 22.51 10.45 9.15
CA PHE A 129 22.26 9.56 10.27
C PHE A 129 22.84 10.13 11.59
N ASN A 130 24.13 10.41 11.57
CA ASN A 130 24.81 10.90 12.80
C ASN A 130 24.17 12.20 13.33
N ALA A 131 23.47 12.91 12.50
CA ALA A 131 22.87 14.16 12.98
C ALA A 131 21.55 13.87 13.69
N ARG A 132 21.05 12.65 13.55
CA ARG A 132 19.69 12.40 14.02
C ARG A 132 19.59 11.40 15.15
N PHE A 133 20.19 10.24 15.00
CA PHE A 133 19.97 9.22 16.03
C PHE A 133 20.66 9.24 17.39
N PRO A 134 21.91 9.64 17.51
CA PRO A 134 22.59 9.53 18.83
C PRO A 134 21.74 10.21 19.93
N GLY A 135 21.43 9.49 21.02
CA GLY A 135 20.64 10.07 22.07
C GLY A 135 19.17 10.32 21.70
N CYS A 136 18.59 9.73 20.62
CA CYS A 136 17.27 10.23 20.25
C CYS A 136 16.18 9.65 21.11
N MET A 137 16.47 8.53 21.73
CA MET A 137 15.43 7.94 22.52
C MET A 137 15.54 8.25 24.01
N LYS A 138 16.27 9.30 24.32
CA LYS A 138 16.46 9.57 25.72
C LYS A 138 15.12 9.94 26.32
N GLY A 139 14.78 9.25 27.40
CA GLY A 139 13.59 9.58 28.15
C GLY A 139 12.47 8.64 27.75
N ARG A 140 12.72 7.79 26.73
CA ARG A 140 11.66 6.94 26.31
C ARG A 140 12.05 5.47 26.32
N THR A 141 11.06 4.66 26.10
CA THR A 141 11.24 3.24 26.04
C THR A 141 11.52 2.79 24.61
N MET A 142 12.51 1.91 24.42
CA MET A 142 12.75 1.30 23.12
C MET A 142 12.06 -0.08 23.05
N TYR A 143 11.12 -0.19 22.14
CA TYR A 143 10.33 -1.41 22.02
C TYR A 143 11.00 -2.21 20.96
N VAL A 144 10.96 -3.52 21.09
CA VAL A 144 11.55 -4.42 20.14
C VAL A 144 10.44 -5.25 19.51
N ILE A 145 10.13 -5.04 18.23
CA ILE A 145 9.03 -5.74 17.60
C ILE A 145 9.55 -6.84 16.64
N PRO A 146 9.45 -8.09 17.06
CA PRO A 146 9.77 -9.17 16.13
C PRO A 146 8.56 -9.35 15.22
N PHE A 147 8.71 -9.22 13.90
CA PHE A 147 7.49 -9.38 13.07
C PHE A 147 7.72 -10.19 11.83
N SER A 148 6.72 -10.91 11.35
CA SER A 148 6.86 -11.64 10.10
C SER A 148 6.02 -11.00 8.98
N MET A 149 6.55 -10.88 7.76
CA MET A 149 5.76 -10.38 6.61
C MET A 149 5.41 -11.72 5.84
N GLY A 150 4.15 -12.11 5.79
CA GLY A 150 3.80 -13.45 5.32
C GLY A 150 3.42 -14.34 6.49
N PRO A 151 2.65 -15.40 6.24
CA PRO A 151 2.17 -16.30 7.26
C PRO A 151 3.35 -16.79 8.07
N LEU A 152 3.09 -16.75 9.35
CA LEU A 152 4.08 -17.16 10.30
C LEU A 152 4.70 -18.49 10.01
N GLY A 153 6.00 -18.53 10.14
CA GLY A 153 6.70 -19.78 9.99
C GLY A 153 6.76 -20.36 8.56
N SER A 154 6.19 -19.70 7.57
CA SER A 154 6.48 -20.21 6.23
C SER A 154 7.91 -19.99 5.76
N PRO A 155 8.37 -20.95 4.97
CA PRO A 155 9.61 -20.83 4.21
C PRO A 155 9.64 -19.55 3.36
N LEU A 156 8.49 -19.08 2.84
CA LEU A 156 8.46 -17.92 1.89
C LEU A 156 8.21 -16.50 2.53
N SER A 157 8.19 -16.51 3.85
CA SER A 157 7.96 -15.30 4.59
C SER A 157 9.29 -14.70 4.96
N LYS A 158 9.28 -13.43 5.26
CA LYS A 158 10.51 -12.75 5.69
C LYS A 158 10.23 -12.13 6.99
N ILE A 159 11.25 -12.12 7.84
CA ILE A 159 11.13 -11.60 9.18
C ILE A 159 11.93 -10.34 9.40
N GLY A 160 11.41 -9.47 10.26
CA GLY A 160 12.14 -8.24 10.61
C GLY A 160 12.12 -7.98 12.07
N ILE A 161 13.01 -7.12 12.49
CA ILE A 161 12.97 -6.70 13.88
C ILE A 161 12.88 -5.19 13.82
N GLU A 162 11.80 -4.62 14.31
CA GLU A 162 11.75 -3.15 14.29
C GLU A 162 11.96 -2.60 15.70
N LEU A 163 12.99 -1.79 15.87
CA LEU A 163 13.14 -1.03 17.13
C LEU A 163 12.46 0.33 16.94
N THR A 164 11.65 0.69 17.93
CA THR A 164 10.92 1.96 17.89
C THR A 164 10.72 2.57 19.27
N ASP A 165 10.57 3.92 19.33
CA ASP A 165 10.22 4.51 20.64
C ASP A 165 8.74 4.95 20.56
N SER A 166 7.94 4.29 19.70
CA SER A 166 6.52 4.67 19.61
C SER A 166 5.58 3.47 19.87
N PRO A 167 4.90 3.48 21.01
CA PRO A 167 3.86 2.48 21.34
C PRO A 167 2.71 2.47 20.28
N TYR A 168 2.40 3.59 19.64
CA TYR A 168 1.39 3.64 18.55
C TYR A 168 1.90 2.72 17.43
N VAL A 169 3.21 2.80 17.18
CA VAL A 169 3.83 1.92 16.20
C VAL A 169 3.67 0.45 16.55
N VAL A 170 4.02 0.11 17.80
CA VAL A 170 3.82 -1.25 18.28
C VAL A 170 2.38 -1.77 18.06
N ALA A 171 1.41 -1.05 18.56
CA ALA A 171 0.05 -1.52 18.45
C ALA A 171 -0.35 -1.62 16.97
N SER A 172 0.09 -0.69 16.15
CA SER A 172 -0.28 -0.79 14.69
C SER A 172 0.36 -2.02 14.03
N MET A 173 1.63 -2.28 14.41
CA MET A 173 2.36 -3.41 13.85
C MET A 173 1.78 -4.71 14.31
N ARG A 174 1.21 -4.73 15.52
CA ARG A 174 0.57 -5.98 15.94
C ARG A 174 -0.58 -6.36 15.01
N ILE A 175 -1.24 -5.35 14.49
CA ILE A 175 -2.35 -5.57 13.53
C ILE A 175 -1.88 -5.82 12.10
N MET A 176 -1.08 -4.90 11.57
CA MET A 176 -0.57 -4.98 10.20
C MET A 176 0.47 -6.09 9.92
N THR A 177 1.05 -6.71 10.94
CA THR A 177 2.00 -7.81 10.70
C THR A 177 1.73 -8.97 11.71
N ARG A 178 2.38 -10.13 11.58
CA ARG A 178 2.36 -11.11 12.68
C ARG A 178 3.49 -10.71 13.59
N MET A 179 3.22 -10.46 14.87
CA MET A 179 4.27 -9.89 15.70
C MET A 179 4.37 -10.59 17.03
N GLY A 180 5.57 -10.67 17.56
CA GLY A 180 5.65 -11.13 18.96
C GLY A 180 6.54 -12.36 19.14
N THR A 181 6.35 -13.10 20.26
CA THR A 181 7.26 -14.21 20.59
C THR A 181 7.33 -15.37 19.54
N PRO A 182 6.19 -15.75 19.00
CA PRO A 182 6.16 -16.79 17.96
C PRO A 182 7.04 -16.42 16.75
N VAL A 183 7.17 -15.13 16.37
CA VAL A 183 8.07 -14.73 15.27
C VAL A 183 9.55 -14.94 15.69
N LEU A 184 9.89 -14.59 16.92
CA LEU A 184 11.26 -14.82 17.35
C LEU A 184 11.55 -16.34 17.35
N GLU A 185 10.55 -17.14 17.72
CA GLU A 185 10.81 -18.57 17.78
C GLU A 185 11.01 -19.11 16.39
N ALA A 186 10.13 -18.72 15.47
CA ALA A 186 10.33 -19.07 14.07
C ALA A 186 11.68 -18.54 13.48
N LEU A 187 12.10 -17.35 13.87
CA LEU A 187 13.29 -16.81 13.26
C LEU A 187 14.56 -17.56 13.67
N GLY A 188 14.59 -17.96 14.96
CA GLY A 188 15.73 -18.66 15.49
C GLY A 188 16.95 -17.92 15.08
N ASP A 189 17.97 -18.61 14.52
CA ASP A 189 19.24 -17.93 14.18
C ASP A 189 19.27 -17.40 12.75
N GLY A 190 18.08 -17.28 12.16
CA GLY A 190 18.02 -16.82 10.79
C GLY A 190 18.35 -15.36 10.66
N GLU A 191 18.36 -14.90 9.43
CA GLU A 191 18.59 -13.51 9.13
C GLU A 191 17.26 -12.73 9.19
N PHE A 192 17.37 -11.43 9.42
CA PHE A 192 16.22 -10.58 9.45
C PHE A 192 16.59 -9.20 8.94
N VAL A 193 15.54 -8.42 8.62
CA VAL A 193 15.69 -7.07 8.18
C VAL A 193 15.72 -6.25 9.40
N LYS A 194 16.74 -5.40 9.45
CA LYS A 194 16.94 -4.55 10.63
C LYS A 194 16.17 -3.27 10.34
N CYS A 195 15.30 -2.86 11.27
CA CYS A 195 14.43 -1.71 11.09
C CYS A 195 14.55 -0.82 12.32
N LEU A 196 15.02 0.39 12.12
CA LEU A 196 15.21 1.30 13.25
C LEU A 196 14.33 2.53 13.04
N HIS A 197 13.56 2.90 14.06
CA HIS A 197 12.61 4.03 13.86
C HIS A 197 12.68 4.91 15.09
N SER A 198 12.70 6.21 14.95
CA SER A 198 12.53 7.06 16.16
C SER A 198 11.69 8.23 15.78
N VAL A 199 10.79 8.65 16.69
CA VAL A 199 9.98 9.79 16.38
C VAL A 199 10.88 11.05 16.49
N GLY A 200 12.07 10.93 17.06
CA GLY A 200 12.96 12.08 17.08
C GLY A 200 12.79 13.22 18.10
N CYS A 201 12.13 12.93 19.21
CA CYS A 201 11.87 13.89 20.27
C CYS A 201 12.34 13.31 21.56
N PRO A 202 13.63 13.32 21.74
CA PRO A 202 14.16 12.81 23.01
C PRO A 202 13.65 13.74 24.14
N LEU A 203 13.41 13.24 25.37
CA LEU A 203 13.07 14.15 26.48
C LEU A 203 14.40 14.56 27.14
N PRO A 204 14.42 15.78 27.68
CA PRO A 204 13.19 16.58 27.87
C PRO A 204 12.81 17.15 26.55
N LEU A 205 11.52 17.37 26.28
CA LEU A 205 11.14 17.91 24.98
C LEU A 205 11.74 19.26 24.71
N GLN A 206 12.30 19.41 23.51
CA GLN A 206 12.91 20.66 23.13
C GLN A 206 11.96 21.60 22.39
N LYS A 207 10.84 21.04 21.95
CA LYS A 207 9.82 21.78 21.23
C LYS A 207 8.47 21.27 21.71
N PRO A 208 7.43 22.06 21.50
CA PRO A 208 6.09 21.72 21.94
C PRO A 208 5.60 20.45 21.28
N LEU A 209 4.61 19.88 21.94
CA LEU A 209 3.98 18.69 21.53
C LEU A 209 2.56 19.01 21.15
N VAL A 210 2.19 18.74 19.90
CA VAL A 210 0.81 18.92 19.48
C VAL A 210 0.12 17.59 19.63
N ASN A 211 -1.06 17.61 20.25
CA ASN A 211 -1.84 16.42 20.57
C ASN A 211 -1.08 15.29 21.10
N ASN A 212 -0.09 15.53 21.93
CA ASN A 212 0.65 14.39 22.50
C ASN A 212 1.24 13.49 21.40
N TRP A 213 1.55 14.08 20.25
CA TRP A 213 2.09 13.31 19.12
C TRP A 213 3.47 13.78 18.74
N PRO A 214 4.49 13.08 19.17
CA PRO A 214 5.87 13.48 18.92
C PRO A 214 6.25 13.25 17.48
N CYS A 215 6.91 14.24 16.88
CA CYS A 215 7.40 14.14 15.51
C CYS A 215 8.42 15.24 15.35
N ASN A 216 9.25 15.11 14.31
CA ASN A 216 10.29 16.09 14.06
C ASN A 216 10.27 16.28 12.57
N PRO A 217 9.31 17.07 12.06
CA PRO A 217 9.14 17.24 10.60
C PRO A 217 10.43 17.72 9.94
N GLU A 218 11.11 18.70 10.53
CA GLU A 218 12.40 19.18 9.98
C GLU A 218 13.46 18.15 9.58
N LEU A 219 13.64 17.15 10.45
CA LEU A 219 14.63 16.09 10.24
C LEU A 219 14.02 14.79 9.76
N THR A 220 12.81 14.81 9.29
CA THR A 220 12.17 13.54 8.96
C THR A 220 12.89 12.94 7.76
N LEU A 221 13.20 11.65 7.84
CA LEU A 221 13.99 10.99 6.78
C LEU A 221 13.74 9.50 6.85
N ILE A 222 13.24 8.89 5.77
CA ILE A 222 12.96 7.46 5.79
C ILE A 222 13.94 6.83 4.78
N ALA A 223 14.94 6.14 5.30
CA ALA A 223 16.06 5.61 4.51
C ALA A 223 15.98 4.08 4.37
N HIS A 224 16.48 3.57 3.23
CA HIS A 224 16.57 2.18 2.95
C HIS A 224 17.96 1.87 2.47
N LEU A 225 18.59 0.90 3.08
CA LEU A 225 20.01 0.54 2.68
C LEU A 225 20.01 -1.01 2.26
N PRO A 226 19.64 -1.30 1.04
CA PRO A 226 19.32 -2.70 0.68
C PRO A 226 20.55 -3.61 0.84
N ASP A 227 21.78 -3.12 0.63
CA ASP A 227 22.95 -3.96 0.75
C ASP A 227 23.24 -4.32 2.22
N ARG A 228 22.66 -3.57 3.14
CA ARG A 228 22.87 -3.87 4.55
C ARG A 228 21.60 -4.54 5.10
N ARG A 229 20.55 -4.52 4.30
CA ARG A 229 19.27 -5.02 4.78
C ARG A 229 18.80 -4.24 5.99
N GLU A 230 18.88 -2.90 5.89
CA GLU A 230 18.46 -2.01 6.97
C GLU A 230 17.47 -0.96 6.44
N ILE A 231 16.47 -0.59 7.28
CA ILE A 231 15.50 0.46 7.03
C ILE A 231 15.69 1.31 8.25
N ILE A 232 15.90 2.58 8.05
CA ILE A 232 16.16 3.44 9.12
C ILE A 232 15.25 4.65 8.91
N SER A 233 14.38 4.94 9.89
CA SER A 233 13.41 5.97 9.74
C SER A 233 13.36 6.97 10.90
N PHE A 234 13.34 8.24 10.60
CA PHE A 234 13.44 9.20 11.70
C PHE A 234 12.41 10.32 11.57
N GLY A 235 11.67 10.59 12.64
CA GLY A 235 10.93 11.81 12.76
C GLY A 235 9.49 11.91 12.35
N SER A 236 8.93 10.84 11.78
CA SER A 236 7.52 10.80 11.53
C SER A 236 6.99 9.60 12.33
N GLY A 237 5.78 9.70 12.85
CA GLY A 237 5.20 8.57 13.57
C GLY A 237 4.15 7.95 12.66
N TYR A 238 4.01 8.57 11.51
CA TYR A 238 2.89 8.17 10.59
C TYR A 238 3.05 6.93 9.72
N GLY A 239 2.05 6.04 9.73
CA GLY A 239 1.95 4.84 8.90
C GLY A 239 3.04 4.39 7.94
N GLY A 240 3.01 4.92 6.71
CA GLY A 240 3.98 4.54 5.72
C GLY A 240 5.41 4.84 6.16
N ASN A 241 5.58 5.85 7.00
CA ASN A 241 6.91 6.21 7.41
C ASN A 241 7.37 5.37 8.64
N SER A 242 6.43 4.91 9.45
CA SER A 242 6.83 4.26 10.72
C SER A 242 6.61 2.74 10.75
N LEU A 243 5.66 2.27 9.98
CA LEU A 243 5.29 0.86 10.07
C LEU A 243 6.15 0.22 9.05
N LEU A 244 7.32 -0.19 9.46
CA LEU A 244 8.34 -0.41 8.49
C LEU A 244 8.23 -1.69 7.68
N GLY A 245 7.42 -2.64 8.08
CA GLY A 245 7.31 -3.86 7.33
C GLY A 245 6.49 -3.60 6.07
N LYS A 246 5.71 -2.53 6.01
CA LYS A 246 4.71 -2.40 4.90
C LYS A 246 5.31 -1.77 3.55
N LYS A 247 5.50 -0.43 3.49
CA LYS A 247 6.05 0.19 2.29
C LYS A 247 7.55 0.02 2.25
N CYS A 248 8.21 0.24 3.39
CA CYS A 248 9.67 0.17 3.38
C CYS A 248 10.22 -1.23 3.09
N PHE A 249 9.65 -2.21 3.73
CA PHE A 249 10.19 -3.54 3.63
C PHE A 249 9.47 -4.31 2.52
N ALA A 250 8.14 -4.41 2.61
CA ALA A 250 7.41 -5.32 1.74
C ALA A 250 7.32 -4.84 0.30
N LEU A 251 7.44 -3.54 0.07
CA LEU A 251 7.55 -3.03 -1.26
C LEU A 251 8.95 -2.65 -1.68
N ARG A 252 9.56 -1.63 -1.08
CA ARG A 252 10.87 -1.20 -1.60
C ARG A 252 12.00 -2.18 -1.52
N MET A 253 12.31 -2.59 -0.29
CA MET A 253 13.47 -3.49 -0.04
C MET A 253 13.15 -4.78 -0.81
N ALA A 254 11.91 -5.24 -0.71
CA ALA A 254 11.56 -6.54 -1.29
C ALA A 254 11.57 -6.46 -2.76
N SER A 255 11.11 -5.36 -3.38
CA SER A 255 11.11 -5.39 -4.83
C SER A 255 12.55 -5.64 -5.32
N ARG A 256 13.49 -5.09 -4.58
CA ARG A 256 14.91 -5.26 -4.92
C ARG A 256 15.34 -6.72 -4.66
N LEU A 257 15.03 -7.26 -3.50
CA LEU A 257 15.35 -8.68 -3.28
C LEU A 257 14.73 -9.54 -4.36
N ALA A 258 13.48 -9.23 -4.69
CA ALA A 258 12.77 -10.06 -5.64
C ALA A 258 13.43 -10.03 -7.01
N LYS A 259 13.92 -8.87 -7.41
CA LYS A 259 14.54 -8.79 -8.71
C LYS A 259 15.75 -9.73 -8.71
N GLU A 260 16.36 -9.92 -7.56
CA GLU A 260 17.55 -10.75 -7.49
C GLU A 260 17.22 -12.22 -7.47
N GLU A 261 16.14 -12.61 -6.78
CA GLU A 261 15.79 -14.03 -6.60
C GLU A 261 14.59 -14.64 -7.38
N GLY A 262 14.27 -14.05 -8.50
CA GLY A 262 13.21 -14.52 -9.36
C GLY A 262 11.77 -14.14 -9.05
N TRP A 263 11.45 -13.34 -8.03
CA TRP A 263 10.06 -13.04 -7.75
C TRP A 263 9.63 -11.54 -7.83
N LEU A 264 8.41 -11.22 -7.49
CA LEU A 264 7.96 -9.87 -7.70
C LEU A 264 7.41 -9.33 -6.38
N ALA A 265 7.68 -8.10 -6.03
CA ALA A 265 6.97 -7.50 -4.91
C ALA A 265 6.30 -6.27 -5.43
N GLU A 266 4.97 -6.26 -5.34
CA GLU A 266 4.16 -5.28 -6.06
C GLU A 266 3.04 -4.63 -5.27
N HIS A 267 2.61 -3.46 -5.75
CA HIS A 267 1.60 -2.70 -5.06
C HIS A 267 0.29 -3.14 -5.57
N MET A 268 -0.10 -4.36 -5.15
CA MET A 268 -1.36 -4.92 -5.68
C MET A 268 -2.26 -5.52 -4.61
N LEU A 269 -3.56 -5.28 -4.77
CA LEU A 269 -4.51 -5.96 -3.89
C LEU A 269 -4.63 -7.31 -4.59
N VAL A 270 -5.25 -8.29 -3.91
CA VAL A 270 -5.45 -9.59 -4.53
C VAL A 270 -6.85 -10.03 -4.09
N LEU A 271 -7.69 -10.52 -5.01
CA LEU A 271 -9.07 -10.93 -4.62
C LEU A 271 -9.32 -12.23 -5.37
N GLY A 272 -10.25 -13.05 -4.85
CA GLY A 272 -10.65 -14.28 -5.51
C GLY A 272 -12.13 -14.07 -5.91
N ILE A 273 -12.45 -14.36 -7.16
CA ILE A 273 -13.80 -14.14 -7.56
C ILE A 273 -14.35 -15.47 -8.10
N THR A 274 -15.59 -15.76 -7.72
CA THR A 274 -16.27 -17.00 -8.12
C THR A 274 -17.55 -16.69 -8.91
N ASN A 275 -17.72 -17.34 -10.08
CA ASN A 275 -18.88 -17.15 -10.95
C ASN A 275 -20.04 -18.04 -10.49
N PRO A 276 -21.22 -17.90 -11.03
CA PRO A 276 -22.37 -18.66 -10.52
C PRO A 276 -22.25 -20.14 -10.78
N GLU A 277 -21.33 -20.56 -11.65
CA GLU A 277 -21.04 -22.01 -11.75
C GLU A 277 -19.94 -22.56 -10.82
N GLY A 278 -19.48 -21.76 -9.87
CA GLY A 278 -18.53 -22.28 -8.91
C GLY A 278 -17.06 -22.21 -9.32
N GLU A 279 -16.77 -21.71 -10.52
CA GLU A 279 -15.37 -21.59 -10.92
C GLU A 279 -14.76 -20.33 -10.23
N LYS A 280 -13.53 -20.42 -9.72
CA LYS A 280 -12.90 -19.28 -9.05
C LYS A 280 -11.55 -18.91 -9.64
N LYS A 281 -11.28 -17.63 -9.73
CA LYS A 281 -9.96 -17.16 -10.21
C LYS A 281 -9.50 -16.09 -9.22
N TYR A 282 -8.19 -15.99 -9.03
CA TYR A 282 -7.62 -14.90 -8.25
C TYR A 282 -7.10 -13.82 -9.20
N LEU A 283 -7.38 -12.58 -8.84
CA LEU A 283 -6.95 -11.46 -9.70
C LEU A 283 -6.12 -10.55 -8.84
N ALA A 284 -5.12 -9.92 -9.45
CA ALA A 284 -4.36 -8.89 -8.77
C ALA A 284 -4.57 -7.51 -9.39
N ALA A 285 -4.60 -6.41 -8.62
CA ALA A 285 -4.73 -5.08 -9.27
C ALA A 285 -3.84 -3.99 -8.65
N ALA A 286 -3.18 -3.21 -9.51
CA ALA A 286 -2.33 -2.14 -9.05
C ALA A 286 -2.95 -0.83 -9.41
N PHE A 287 -3.39 -0.11 -8.42
CA PHE A 287 -4.03 1.18 -8.68
C PHE A 287 -3.28 2.27 -7.95
N PRO A 288 -3.23 3.43 -8.52
CA PRO A 288 -2.67 4.56 -7.81
C PRO A 288 -3.65 5.12 -6.79
N SER A 289 -3.24 6.25 -6.25
CA SER A 289 -3.91 6.89 -5.13
C SER A 289 -5.34 7.14 -5.47
N ALA A 290 -6.17 6.97 -4.43
CA ALA A 290 -7.58 7.28 -4.44
C ALA A 290 -8.36 6.68 -5.62
N CYS A 291 -8.05 5.42 -5.90
CA CYS A 291 -8.77 4.72 -6.96
C CYS A 291 -9.68 3.60 -6.46
N GLY A 292 -10.03 3.53 -5.16
CA GLY A 292 -10.89 2.45 -4.63
C GLY A 292 -10.30 1.04 -4.38
N LYS A 293 -9.03 1.01 -3.98
CA LYS A 293 -8.37 -0.28 -3.87
C LYS A 293 -9.09 -1.17 -2.87
N THR A 294 -9.36 -0.70 -1.69
CA THR A 294 -9.95 -1.59 -0.71
C THR A 294 -11.34 -1.95 -1.15
N ASN A 295 -11.92 -1.03 -1.90
CA ASN A 295 -13.29 -1.13 -2.34
C ASN A 295 -13.45 -2.27 -3.35
N LEU A 296 -12.46 -2.42 -4.24
CA LEU A 296 -12.44 -3.53 -5.15
C LEU A 296 -12.08 -4.79 -4.38
N ALA A 297 -11.03 -4.76 -3.56
CA ALA A 297 -10.54 -5.99 -2.89
C ALA A 297 -11.61 -6.67 -2.01
N MET A 298 -12.43 -5.85 -1.44
CA MET A 298 -13.51 -6.46 -0.64
C MET A 298 -14.90 -6.13 -1.15
N MET A 299 -15.00 -5.99 -2.49
CA MET A 299 -16.23 -5.65 -3.12
C MET A 299 -17.38 -6.62 -2.75
N ASN A 300 -18.56 -6.07 -2.57
CA ASN A 300 -19.79 -6.86 -2.49
C ASN A 300 -20.34 -6.72 -3.92
N PRO A 301 -20.21 -7.76 -4.72
CA PRO A 301 -20.54 -7.68 -6.15
C PRO A 301 -22.04 -7.60 -6.41
N SER A 302 -22.47 -6.79 -7.36
CA SER A 302 -23.92 -6.68 -7.58
C SER A 302 -24.52 -7.81 -8.38
N LEU A 303 -23.72 -8.46 -9.23
CA LEU A 303 -24.23 -9.52 -10.08
C LEU A 303 -24.65 -10.74 -9.27
N PRO A 304 -25.86 -11.21 -9.48
CA PRO A 304 -26.35 -12.45 -8.80
C PRO A 304 -25.49 -13.66 -9.09
N GLY A 305 -25.28 -14.43 -8.05
CA GLY A 305 -24.49 -15.68 -8.09
C GLY A 305 -22.95 -15.50 -8.07
N TRP A 306 -22.47 -14.26 -8.15
CA TRP A 306 -21.01 -14.01 -8.14
C TRP A 306 -20.55 -13.79 -6.68
N LYS A 307 -19.28 -14.06 -6.44
CA LYS A 307 -18.79 -13.92 -5.09
C LYS A 307 -17.41 -13.28 -5.19
N VAL A 308 -17.09 -12.32 -4.32
CA VAL A 308 -15.72 -11.76 -4.24
C VAL A 308 -15.20 -12.01 -2.84
N GLU A 309 -13.92 -12.42 -2.71
CA GLU A 309 -13.29 -12.62 -1.41
C GLU A 309 -11.91 -11.90 -1.46
N CYS A 310 -11.47 -11.48 -0.27
CA CYS A 310 -10.35 -10.60 -0.16
C CYS A 310 -9.12 -11.35 0.29
N VAL A 311 -8.07 -11.30 -0.52
CA VAL A 311 -6.80 -11.86 -0.09
C VAL A 311 -5.94 -10.75 0.54
N GLY A 312 -5.82 -9.64 -0.17
CA GLY A 312 -5.10 -8.46 0.36
C GLY A 312 -5.55 -7.18 -0.31
N ASP A 313 -5.38 -6.05 0.35
CA ASP A 313 -5.83 -4.79 -0.26
C ASP A 313 -4.69 -3.90 -0.66
N ASP A 314 -3.44 -4.36 -0.45
CA ASP A 314 -2.33 -3.41 -0.75
C ASP A 314 -1.10 -3.95 -1.42
N ILE A 315 -0.55 -5.04 -0.94
CA ILE A 315 0.70 -5.50 -1.45
C ILE A 315 0.67 -6.97 -1.69
N ALA A 316 1.47 -7.38 -2.67
CA ALA A 316 1.53 -8.82 -3.02
C ALA A 316 2.92 -9.22 -3.43
N TRP A 317 3.33 -10.39 -2.94
CA TRP A 317 4.61 -11.00 -3.35
C TRP A 317 4.26 -12.19 -4.23
N MET A 318 4.90 -12.30 -5.37
CA MET A 318 4.45 -13.26 -6.36
C MET A 318 5.60 -13.97 -6.86
N LYS A 319 5.48 -15.28 -7.09
CA LYS A 319 6.61 -16.03 -7.70
C LYS A 319 6.05 -17.19 -8.51
N PHE A 320 6.62 -17.44 -9.70
CA PHE A 320 6.21 -18.61 -10.48
C PHE A 320 6.37 -19.91 -9.70
N ASP A 321 5.33 -20.75 -9.67
CA ASP A 321 5.53 -22.06 -9.05
C ASP A 321 6.17 -23.03 -10.07
N ALA A 322 6.28 -24.28 -9.71
CA ALA A 322 6.78 -25.40 -10.59
C ALA A 322 6.05 -25.65 -11.88
N GLN A 323 4.75 -25.34 -11.93
CA GLN A 323 4.07 -25.45 -13.22
C GLN A 323 3.97 -24.10 -13.89
N GLY A 324 4.72 -23.15 -13.37
CA GLY A 324 4.74 -21.87 -14.07
C GLY A 324 3.61 -20.94 -13.69
N HIS A 325 2.87 -21.26 -12.67
CA HIS A 325 1.83 -20.29 -12.30
C HIS A 325 2.39 -19.24 -11.35
N LEU A 326 1.98 -18.00 -11.60
CA LEU A 326 2.37 -16.92 -10.73
C LEU A 326 1.55 -16.98 -9.44
N ARG A 327 2.12 -17.43 -8.31
CA ARG A 327 1.40 -17.45 -7.05
C ARG A 327 1.67 -16.18 -6.19
N ALA A 328 0.62 -15.60 -5.59
CA ALA A 328 0.68 -14.41 -4.76
C ALA A 328 0.47 -14.75 -3.31
N ILE A 329 1.20 -14.06 -2.44
CA ILE A 329 0.79 -14.03 -1.06
C ILE A 329 0.75 -12.57 -0.57
N ASN A 330 -0.10 -12.29 0.39
CA ASN A 330 -0.29 -11.01 0.99
C ASN A 330 0.62 -11.11 2.19
N PRO A 331 1.68 -10.38 2.15
CA PRO A 331 2.61 -10.35 3.25
C PRO A 331 2.04 -9.54 4.46
N GLU A 332 0.95 -8.80 4.30
CA GLU A 332 0.41 -8.11 5.46
C GLU A 332 -0.54 -8.96 6.26
N ASN A 333 -0.90 -8.44 7.46
CA ASN A 333 -1.76 -9.09 8.42
C ASN A 333 -3.05 -8.31 8.67
N GLY A 334 -3.17 -7.19 7.98
CA GLY A 334 -4.27 -6.26 8.27
C GLY A 334 -4.50 -5.20 7.21
N PHE A 335 -5.42 -4.26 7.46
CA PHE A 335 -5.70 -3.32 6.38
C PHE A 335 -5.45 -1.99 6.98
N PHE A 336 -4.61 -1.20 6.31
CA PHE A 336 -4.35 0.20 6.71
C PHE A 336 -5.05 1.09 5.69
N GLY A 337 -6.37 1.17 5.80
CA GLY A 337 -7.20 1.79 4.77
C GLY A 337 -7.45 3.26 4.96
N VAL A 338 -7.57 3.98 3.84
CA VAL A 338 -7.99 5.36 3.88
C VAL A 338 -9.48 5.35 4.35
N ALA A 339 -9.84 6.08 5.41
CA ALA A 339 -11.23 6.07 5.89
C ALA A 339 -12.24 6.96 5.14
N PRO A 340 -11.93 8.19 4.83
CA PRO A 340 -12.96 9.02 4.20
C PRO A 340 -13.49 8.41 2.94
N GLY A 341 -14.78 8.53 2.72
CA GLY A 341 -15.33 7.86 1.58
C GLY A 341 -15.74 6.44 1.85
N THR A 342 -15.41 5.94 3.02
CA THR A 342 -15.91 4.60 3.39
C THR A 342 -17.33 4.57 4.01
N SER A 343 -18.28 3.88 3.37
CA SER A 343 -19.63 3.81 3.95
C SER A 343 -20.27 2.50 3.65
N VAL A 344 -21.45 2.25 4.19
CA VAL A 344 -22.15 0.99 3.88
C VAL A 344 -22.37 0.79 2.35
N LYS A 345 -22.67 1.88 1.66
CA LYS A 345 -22.95 1.76 0.26
C LYS A 345 -21.66 1.49 -0.50
N THR A 346 -20.60 2.23 -0.21
CA THR A 346 -19.41 2.10 -1.02
C THR A 346 -18.57 0.88 -0.65
N ASN A 347 -18.71 0.36 0.58
CA ASN A 347 -17.82 -0.73 1.00
C ASN A 347 -18.31 -1.37 2.29
N PRO A 348 -19.43 -2.06 2.18
CA PRO A 348 -20.07 -2.63 3.37
C PRO A 348 -19.13 -3.64 4.05
N ASN A 349 -18.34 -4.33 3.27
CA ASN A 349 -17.42 -5.22 3.93
C ASN A 349 -16.31 -4.56 4.76
N ALA A 350 -15.82 -3.41 4.27
CA ALA A 350 -14.89 -2.62 5.10
C ALA A 350 -15.54 -2.14 6.43
N ILE A 351 -16.75 -1.63 6.34
CA ILE A 351 -17.46 -1.17 7.59
C ILE A 351 -17.56 -2.29 8.61
N LYS A 352 -17.92 -3.47 8.15
CA LYS A 352 -18.10 -4.56 9.11
C LYS A 352 -16.71 -4.90 9.70
N THR A 353 -15.69 -4.88 8.82
CA THR A 353 -14.37 -5.19 9.29
C THR A 353 -13.98 -4.32 10.49
N ILE A 354 -14.24 -3.01 10.44
CA ILE A 354 -13.70 -2.10 11.43
C ILE A 354 -14.56 -1.85 12.63
N GLN A 355 -15.53 -2.74 12.85
CA GLN A 355 -16.47 -2.58 13.93
C GLN A 355 -15.75 -2.90 15.27
N LYS A 356 -14.58 -3.54 15.26
CA LYS A 356 -13.92 -3.83 16.54
C LYS A 356 -12.46 -4.01 16.42
N ASN A 357 -11.78 -3.91 17.56
CA ASN A 357 -10.32 -4.15 17.59
C ASN A 357 -9.56 -3.33 16.51
N THR A 358 -9.98 -2.10 16.31
CA THR A 358 -9.37 -1.25 15.30
C THR A 358 -8.83 0.04 15.82
N ILE A 359 -7.66 0.47 15.29
CA ILE A 359 -7.17 1.78 15.54
C ILE A 359 -7.46 2.73 14.38
N PHE A 360 -8.00 3.92 14.68
CA PHE A 360 -8.32 4.94 13.73
C PHE A 360 -7.39 6.06 14.01
N THR A 361 -7.00 6.83 12.98
CA THR A 361 -6.03 7.89 13.13
C THR A 361 -6.55 9.09 12.35
N ASN A 362 -6.77 10.22 13.03
CA ASN A 362 -7.19 11.47 12.39
C ASN A 362 -8.56 11.56 11.79
N VAL A 363 -9.45 10.66 12.17
CA VAL A 363 -10.83 10.76 11.84
C VAL A 363 -11.53 11.57 12.93
N ALA A 364 -12.79 11.85 12.68
CA ALA A 364 -13.58 12.69 13.62
C ALA A 364 -14.24 11.76 14.57
N GLU A 365 -14.70 12.33 15.68
CA GLU A 365 -15.29 11.54 16.73
C GLU A 365 -16.70 12.08 17.07
N THR A 366 -17.70 11.20 17.09
CA THR A 366 -19.05 11.65 17.52
C THR A 366 -19.15 11.77 19.03
N SER A 367 -20.16 12.52 19.48
CA SER A 367 -20.33 12.73 20.91
C SER A 367 -20.65 11.42 21.65
N ASP A 368 -21.23 10.44 20.97
CA ASP A 368 -21.42 9.12 21.59
C ASP A 368 -20.26 8.14 21.43
N GLY A 369 -19.10 8.68 21.09
CA GLY A 369 -17.92 7.86 20.98
C GLY A 369 -17.75 7.08 19.70
N GLY A 370 -18.38 7.50 18.60
CA GLY A 370 -18.23 6.75 17.33
C GLY A 370 -17.21 7.46 16.47
N VAL A 371 -17.02 6.99 15.25
CA VAL A 371 -16.15 7.70 14.37
C VAL A 371 -16.98 8.42 13.31
N TYR A 372 -16.39 9.39 12.64
CA TYR A 372 -17.07 10.03 11.52
C TYR A 372 -16.06 10.53 10.47
N TRP A 373 -16.54 10.70 9.24
CA TRP A 373 -15.70 11.22 8.17
C TRP A 373 -16.50 11.59 6.93
N GLU A 374 -15.91 12.48 6.13
CA GLU A 374 -16.50 12.73 4.87
C GLU A 374 -16.91 11.43 4.16
N GLY A 375 -18.14 11.41 3.68
CA GLY A 375 -18.64 10.29 2.91
C GLY A 375 -19.07 9.08 3.74
N ILE A 376 -19.08 9.21 5.02
CA ILE A 376 -19.47 7.99 5.75
C ILE A 376 -20.96 7.70 5.51
N ASP A 377 -21.69 8.75 5.13
CA ASP A 377 -23.09 8.61 4.70
C ASP A 377 -23.89 7.96 5.81
N GLU A 378 -23.91 8.56 6.99
CA GLU A 378 -24.64 8.02 8.11
C GLU A 378 -25.12 9.16 8.98
N PRO A 379 -26.39 9.49 8.78
CA PRO A 379 -27.05 10.51 9.59
C PRO A 379 -26.79 10.35 11.07
N LEU A 380 -26.60 11.49 11.70
CA LEU A 380 -26.38 11.53 13.12
C LEU A 380 -27.72 11.54 13.80
N ALA A 381 -27.77 10.97 14.99
CA ALA A 381 -28.96 11.03 15.82
C ALA A 381 -29.13 12.43 16.40
N SER A 382 -30.41 12.75 16.68
CA SER A 382 -30.79 14.00 17.32
C SER A 382 -29.82 14.19 18.47
N GLY A 383 -29.26 15.40 18.59
CA GLY A 383 -28.33 15.60 19.69
C GLY A 383 -26.89 15.07 19.62
N VAL A 384 -26.52 14.29 18.59
CA VAL A 384 -25.14 13.84 18.56
C VAL A 384 -24.25 14.92 17.93
N THR A 385 -23.12 15.28 18.50
CA THR A 385 -22.30 16.29 17.78
C THR A 385 -20.95 15.72 17.35
N ILE A 386 -20.18 16.47 16.54
CA ILE A 386 -18.94 15.93 15.99
C ILE A 386 -17.69 16.70 16.43
N THR A 387 -16.67 15.97 16.87
CA THR A 387 -15.45 16.64 17.15
C THR A 387 -14.54 16.29 16.00
N SER A 388 -13.93 17.31 15.39
CA SER A 388 -13.11 17.02 14.26
C SER A 388 -11.74 16.44 14.64
N TRP A 389 -10.94 16.13 13.62
CA TRP A 389 -9.63 15.54 13.82
C TRP A 389 -8.69 16.59 14.43
N LYS A 390 -9.06 17.88 14.45
CA LYS A 390 -8.19 18.82 15.16
C LYS A 390 -8.64 19.09 16.55
N ASN A 391 -9.56 18.27 17.06
CA ASN A 391 -10.06 18.46 18.39
C ASN A 391 -10.91 19.72 18.58
N LYS A 392 -11.77 20.06 17.60
CA LYS A 392 -12.61 21.27 17.67
C LYS A 392 -14.01 20.86 17.30
N GLU A 393 -15.01 21.56 17.84
CA GLU A 393 -16.37 21.29 17.48
C GLU A 393 -16.54 21.56 16.04
N TRP A 394 -17.29 20.71 15.37
CA TRP A 394 -17.27 20.82 13.91
C TRP A 394 -18.65 20.84 13.31
N SER A 395 -18.75 21.49 12.15
CA SER A 395 -20.02 21.54 11.47
C SER A 395 -19.73 21.62 10.02
N SER A 396 -20.74 21.31 9.20
CA SER A 396 -20.55 21.38 7.73
C SER A 396 -20.15 22.81 7.36
N GLU A 397 -20.49 23.76 8.23
CA GLU A 397 -20.41 25.15 7.84
C GLU A 397 -19.04 25.74 7.88
N ASP A 398 -18.12 25.07 8.59
CA ASP A 398 -16.74 25.58 8.80
C ASP A 398 -15.77 25.63 7.61
N GLY A 399 -16.09 24.98 6.49
CA GLY A 399 -15.19 25.01 5.35
C GLY A 399 -13.88 24.24 5.46
N GLU A 400 -13.85 23.18 6.29
CA GLU A 400 -12.73 22.20 6.33
C GLU A 400 -13.33 20.83 6.71
N PRO A 401 -12.70 19.74 6.27
CA PRO A 401 -13.32 18.43 6.49
C PRO A 401 -13.29 18.06 7.98
N CYS A 402 -14.17 17.23 8.45
CA CYS A 402 -14.10 16.85 9.87
C CYS A 402 -12.98 15.81 10.11
N ALA A 403 -12.62 15.08 9.05
CA ALA A 403 -11.52 14.10 9.14
C ALA A 403 -10.40 14.42 8.14
N HIS A 404 -9.15 14.10 8.51
CA HIS A 404 -8.05 14.44 7.62
C HIS A 404 -8.22 13.62 6.35
N PRO A 405 -7.96 14.14 5.16
CA PRO A 405 -8.26 13.32 3.97
C PRO A 405 -7.42 12.03 3.88
N ASN A 406 -6.26 11.99 4.56
CA ASN A 406 -5.41 10.82 4.58
C ASN A 406 -5.64 10.01 5.84
N SER A 407 -6.74 10.33 6.54
CA SER A 407 -7.04 9.53 7.72
C SER A 407 -7.26 8.03 7.43
N ARG A 408 -7.05 7.20 8.46
CA ARG A 408 -6.97 5.77 8.30
C ARG A 408 -7.65 4.91 9.36
N PHE A 409 -7.90 3.68 8.95
CA PHE A 409 -8.29 2.71 9.92
C PHE A 409 -7.22 1.64 9.83
N CYS A 410 -6.95 0.95 10.92
CA CYS A 410 -5.86 -0.04 10.90
C CYS A 410 -6.51 -1.21 11.54
N THR A 411 -6.81 -2.26 10.75
CA THR A 411 -7.75 -3.27 11.20
C THR A 411 -7.27 -4.67 10.84
N PRO A 412 -7.50 -5.62 11.74
CA PRO A 412 -7.15 -7.02 11.49
C PRO A 412 -7.70 -7.62 10.18
N ALA A 413 -6.87 -8.26 9.35
CA ALA A 413 -7.43 -8.85 8.10
C ALA A 413 -8.45 -9.95 8.41
N SER A 414 -8.20 -10.70 9.48
CA SER A 414 -9.07 -11.83 9.82
C SER A 414 -10.46 -11.39 10.11
N GLN A 415 -10.71 -10.10 10.30
CA GLN A 415 -12.03 -9.62 10.59
C GLN A 415 -12.88 -9.32 9.33
N CYS A 416 -12.31 -9.45 8.13
CA CYS A 416 -13.06 -9.05 6.94
C CYS A 416 -14.02 -10.16 6.74
N PRO A 417 -15.31 -9.90 6.59
CA PRO A 417 -16.28 -11.00 6.57
C PRO A 417 -16.16 -11.73 5.26
N ILE A 418 -15.44 -11.20 4.28
CA ILE A 418 -15.21 -12.04 3.10
C ILE A 418 -13.77 -12.36 2.91
N ILE A 419 -13.02 -12.41 4.00
CA ILE A 419 -11.61 -12.76 3.87
C ILE A 419 -11.42 -14.13 3.17
N ASP A 420 -10.54 -14.22 2.18
CA ASP A 420 -10.41 -15.44 1.42
C ASP A 420 -9.95 -16.60 2.27
N ALA A 421 -10.38 -17.86 1.97
CA ALA A 421 -10.00 -18.97 2.84
C ALA A 421 -8.56 -19.20 2.61
N ALA A 422 -8.05 -18.72 1.47
CA ALA A 422 -6.63 -19.00 1.25
C ALA A 422 -5.72 -17.81 1.56
N TRP A 423 -6.21 -16.80 2.28
CA TRP A 423 -5.39 -15.55 2.47
C TRP A 423 -4.02 -15.75 3.15
N GLU A 424 -3.89 -16.83 3.91
CA GLU A 424 -2.67 -17.15 4.62
C GLU A 424 -2.16 -18.49 4.21
N SER A 425 -2.61 -19.05 3.10
CA SER A 425 -1.97 -20.27 2.69
C SER A 425 -0.54 -19.95 2.28
N PRO A 426 0.41 -20.67 2.84
CA PRO A 426 1.81 -20.36 2.58
C PRO A 426 2.15 -20.74 1.15
N GLU A 427 1.32 -21.50 0.48
CA GLU A 427 1.68 -21.72 -0.93
C GLU A 427 1.15 -20.60 -1.90
N GLY A 428 0.44 -19.60 -1.39
CA GLY A 428 -0.03 -18.54 -2.24
C GLY A 428 -1.15 -18.88 -3.18
N VAL A 429 -1.79 -17.86 -3.80
CA VAL A 429 -2.84 -18.16 -4.75
C VAL A 429 -2.45 -17.81 -6.17
N PRO A 430 -2.93 -18.63 -7.12
CA PRO A 430 -2.52 -18.52 -8.50
C PRO A 430 -3.19 -17.32 -9.22
N ILE A 431 -2.38 -16.39 -9.71
CA ILE A 431 -2.92 -15.17 -10.32
C ILE A 431 -3.20 -15.47 -11.79
N GLU A 432 -4.42 -15.23 -12.23
CA GLU A 432 -4.77 -15.48 -13.63
C GLU A 432 -4.96 -14.17 -14.40
N GLY A 433 -5.11 -13.05 -13.65
CA GLY A 433 -5.25 -11.72 -14.28
C GLY A 433 -4.63 -10.59 -13.39
N ILE A 434 -3.96 -9.65 -14.08
CA ILE A 434 -3.44 -8.44 -13.41
C ILE A 434 -4.09 -7.21 -14.06
N ILE A 435 -4.49 -6.30 -13.20
CA ILE A 435 -5.30 -5.17 -13.53
C ILE A 435 -4.60 -3.89 -13.16
N PHE A 436 -4.38 -3.02 -14.15
CA PHE A 436 -3.82 -1.72 -13.79
C PHE A 436 -4.90 -0.62 -13.93
N GLY A 437 -4.64 0.54 -13.36
CA GLY A 437 -5.63 1.60 -13.42
C GLY A 437 -5.18 3.02 -13.10
N GLY A 438 -6.16 3.85 -12.72
CA GLY A 438 -5.95 5.26 -12.38
C GLY A 438 -7.23 6.04 -12.60
N ARG A 439 -7.16 7.32 -12.18
CA ARG A 439 -8.25 8.20 -12.27
C ARG A 439 -8.15 8.99 -13.56
N ARG A 440 -8.90 8.62 -14.57
CA ARG A 440 -8.76 9.33 -15.82
C ARG A 440 -10.11 9.87 -16.23
N PRO A 441 -10.31 11.18 -16.03
CA PRO A 441 -11.59 11.83 -16.32
C PRO A 441 -11.94 11.81 -17.78
N ALA A 442 -10.97 12.03 -18.65
CA ALA A 442 -11.21 11.85 -20.07
C ALA A 442 -10.43 10.72 -20.71
N GLY A 443 -10.92 10.38 -21.91
CA GLY A 443 -10.19 9.60 -22.86
C GLY A 443 -10.00 8.09 -22.75
N VAL A 444 -10.00 7.57 -21.54
CA VAL A 444 -9.65 6.18 -21.37
C VAL A 444 -10.86 5.37 -21.04
N PRO A 445 -11.15 4.37 -21.86
CA PRO A 445 -12.34 3.52 -21.66
C PRO A 445 -12.40 2.81 -20.28
N LEU A 446 -13.60 2.31 -19.91
CA LEU A 446 -13.90 1.57 -18.66
C LEU A 446 -12.96 0.37 -18.50
N VAL A 447 -12.76 -0.38 -19.57
CA VAL A 447 -11.83 -1.52 -19.47
C VAL A 447 -11.23 -1.86 -20.82
N TYR A 448 -9.94 -2.21 -20.82
CA TYR A 448 -9.37 -2.76 -22.05
C TYR A 448 -8.35 -3.80 -21.67
N GLU A 449 -8.04 -4.66 -22.63
CA GLU A 449 -7.09 -5.77 -22.42
C GLU A 449 -5.90 -5.54 -23.33
N ALA A 450 -4.75 -6.01 -22.85
CA ALA A 450 -3.47 -5.87 -23.49
C ALA A 450 -3.36 -6.85 -24.67
N LEU A 451 -2.51 -6.49 -25.65
CA LEU A 451 -2.37 -7.35 -26.81
C LEU A 451 -1.41 -8.48 -26.67
N SER A 452 -0.52 -8.36 -25.68
CA SER A 452 0.56 -9.32 -25.50
C SER A 452 1.15 -8.99 -24.15
N TRP A 453 1.89 -9.90 -23.56
CA TRP A 453 2.64 -9.59 -22.39
C TRP A 453 3.50 -8.27 -22.50
N GLN A 454 4.27 -8.11 -23.59
CA GLN A 454 5.13 -6.89 -23.67
C GLN A 454 4.27 -5.65 -23.69
N HIS A 455 3.20 -5.72 -24.41
CA HIS A 455 2.26 -4.60 -24.43
C HIS A 455 1.64 -4.38 -23.09
N GLY A 456 1.26 -5.47 -22.38
CA GLY A 456 0.78 -5.38 -20.95
C GLY A 456 1.81 -4.69 -20.03
N VAL A 457 3.07 -5.05 -20.08
CA VAL A 457 4.10 -4.30 -19.39
C VAL A 457 4.13 -2.80 -19.73
N PHE A 458 4.00 -2.48 -21.01
CA PHE A 458 3.98 -1.12 -21.42
C PHE A 458 2.73 -0.46 -20.81
N VAL A 459 1.56 -1.12 -20.92
CA VAL A 459 0.36 -0.51 -20.27
C VAL A 459 0.66 -0.15 -18.79
N GLY A 460 1.29 -1.04 -18.04
CA GLY A 460 1.57 -0.66 -16.62
C GLY A 460 2.54 0.49 -16.55
N ALA A 461 3.52 0.45 -17.44
CA ALA A 461 4.52 1.48 -17.51
C ALA A 461 3.91 2.85 -17.78
N ALA A 462 2.79 2.85 -18.55
CA ALA A 462 2.19 4.09 -19.02
C ALA A 462 1.18 4.75 -18.06
N MET A 463 0.94 4.10 -16.90
CA MET A 463 -0.17 4.50 -16.03
C MET A 463 -0.12 5.92 -15.63
N ARG A 464 -1.28 6.60 -15.70
CA ARG A 464 -1.37 7.96 -15.20
C ARG A 464 -2.65 8.07 -14.40
N SER A 465 -2.73 9.06 -13.51
CA SER A 465 -3.94 9.24 -12.68
C SER A 465 -4.04 10.72 -12.20
N GLU A 466 -5.24 11.26 -12.26
CA GLU A 466 -5.51 12.65 -11.86
C GLU A 466 -5.58 12.64 -10.38
N ALA A 467 -4.68 13.35 -9.72
CA ALA A 467 -4.62 13.30 -8.28
C ALA A 467 -5.62 14.21 -7.49
N LYS A 476 -5.87 20.28 -9.48
CA LYS A 476 -6.27 19.69 -10.78
C LYS A 476 -5.17 19.01 -11.65
N ILE A 477 -4.41 18.05 -11.07
CA ILE A 477 -3.18 17.55 -11.75
C ILE A 477 -3.14 16.09 -12.21
N ILE A 478 -2.75 15.82 -13.45
CA ILE A 478 -2.59 14.39 -13.84
C ILE A 478 -1.11 13.94 -13.75
N MET A 479 -0.83 12.89 -13.00
CA MET A 479 0.53 12.44 -12.86
C MET A 479 0.76 10.99 -13.33
N HIS A 480 2.01 10.65 -13.58
CA HIS A 480 2.42 9.29 -13.94
C HIS A 480 2.63 8.50 -12.66
N ASP A 481 2.10 7.30 -12.65
CA ASP A 481 2.39 6.41 -11.55
C ASP A 481 2.59 4.97 -12.06
N PRO A 482 3.70 4.70 -12.71
CA PRO A 482 3.82 3.41 -13.41
C PRO A 482 3.72 2.18 -12.52
N PHE A 483 2.88 1.23 -12.92
CA PHE A 483 2.57 0.08 -12.06
C PHE A 483 2.07 0.47 -10.64
N ALA A 484 1.69 1.71 -10.43
CA ALA A 484 1.33 2.23 -9.12
C ALA A 484 2.52 2.08 -8.13
N MET A 485 3.75 2.04 -8.63
CA MET A 485 4.94 1.80 -7.81
C MET A 485 5.83 3.00 -7.78
N ARG A 486 5.30 4.11 -8.31
CA ARG A 486 6.24 5.25 -8.47
C ARG A 486 6.91 5.66 -7.16
N PRO A 487 6.21 5.68 -6.02
CA PRO A 487 6.89 6.07 -4.79
C PRO A 487 7.63 4.94 -4.14
N PHE A 488 7.53 3.76 -4.73
CA PHE A 488 7.98 2.50 -4.08
C PHE A 488 9.05 1.66 -4.79
N PHE A 489 9.59 2.07 -5.95
CA PHE A 489 10.54 1.20 -6.60
C PHE A 489 11.74 0.93 -5.71
N GLY A 490 12.12 -0.31 -5.50
CA GLY A 490 13.35 -0.45 -4.69
C GLY A 490 14.68 -0.30 -5.42
N TYR A 491 14.58 0.00 -6.71
CA TYR A 491 15.72 -0.07 -7.60
C TYR A 491 15.35 0.50 -8.95
N ASN A 492 16.31 0.52 -9.85
CA ASN A 492 16.13 1.22 -11.14
C ASN A 492 14.89 0.75 -11.85
N PHE A 493 13.96 1.66 -12.11
CA PHE A 493 12.73 1.26 -12.83
C PHE A 493 12.96 0.69 -14.20
N GLY A 494 14.01 1.16 -14.92
CA GLY A 494 14.28 0.50 -16.22
C GLY A 494 14.58 -1.00 -16.05
N LYS A 495 15.37 -1.35 -15.01
CA LYS A 495 15.69 -2.72 -14.62
C LYS A 495 14.42 -3.44 -14.12
N TYR A 496 13.55 -2.71 -13.44
CA TYR A 496 12.29 -3.38 -13.04
C TYR A 496 11.48 -3.75 -14.31
N LEU A 497 11.48 -2.85 -15.31
CA LEU A 497 10.75 -3.10 -16.52
C LEU A 497 11.36 -4.30 -17.26
N ALA A 498 12.67 -4.43 -17.22
CA ALA A 498 13.34 -5.64 -17.82
C ALA A 498 12.94 -6.89 -17.07
N HIS A 499 12.81 -6.78 -15.73
CA HIS A 499 12.56 -7.92 -14.89
C HIS A 499 11.16 -8.40 -15.25
N TRP A 500 10.20 -7.49 -15.40
CA TRP A 500 8.85 -7.91 -15.80
C TRP A 500 8.79 -8.51 -17.21
N LEU A 501 9.41 -7.84 -18.17
CA LEU A 501 9.53 -8.31 -19.51
C LEU A 501 10.14 -9.74 -19.52
N SER A 502 11.15 -10.01 -18.71
CA SER A 502 11.79 -11.30 -18.73
C SER A 502 10.84 -12.44 -18.29
N MET A 503 9.72 -12.11 -17.63
CA MET A 503 8.80 -13.15 -17.21
C MET A 503 8.29 -13.99 -18.39
N ALA A 504 8.32 -13.41 -19.55
CA ALA A 504 7.83 -14.07 -20.72
C ALA A 504 8.83 -15.08 -21.28
N GLN A 505 10.08 -15.11 -20.78
CA GLN A 505 11.02 -16.15 -21.18
C GLN A 505 11.20 -17.14 -20.00
N HIS A 506 10.31 -17.09 -19.00
CA HIS A 506 10.32 -18.12 -17.98
C HIS A 506 9.69 -19.41 -18.54
N PRO A 507 10.42 -20.47 -18.33
CA PRO A 507 10.07 -21.79 -18.90
C PRO A 507 8.67 -22.10 -18.54
N ALA A 508 7.82 -22.32 -19.52
CA ALA A 508 6.44 -22.74 -19.30
C ALA A 508 5.64 -21.76 -18.47
N ALA A 509 5.97 -20.46 -18.52
CA ALA A 509 5.20 -19.53 -17.68
C ALA A 509 3.76 -19.50 -18.13
N LYS A 510 2.84 -19.39 -17.19
CA LYS A 510 1.42 -19.16 -17.50
C LYS A 510 1.19 -17.74 -17.17
N LEU A 511 1.32 -16.89 -18.15
CA LEU A 511 1.32 -15.46 -17.84
C LEU A 511 -0.09 -14.98 -17.57
N PRO A 512 -0.31 -14.21 -16.51
CA PRO A 512 -1.69 -13.65 -16.30
C PRO A 512 -2.07 -12.74 -17.47
N LYS A 513 -3.35 -12.74 -17.78
CA LYS A 513 -3.86 -11.80 -18.75
C LYS A 513 -3.79 -10.34 -18.14
N ILE A 514 -3.50 -9.32 -18.95
CA ILE A 514 -3.37 -7.94 -18.40
C ILE A 514 -4.45 -7.00 -18.84
N PHE A 515 -5.03 -6.28 -17.88
CA PHE A 515 -6.13 -5.38 -18.27
C PHE A 515 -5.86 -3.98 -17.69
N HIS A 516 -6.65 -3.01 -18.12
CA HIS A 516 -6.50 -1.70 -17.57
C HIS A 516 -7.95 -1.26 -17.37
N VAL A 517 -8.27 -0.62 -16.24
CA VAL A 517 -9.66 -0.18 -16.04
C VAL A 517 -9.69 1.29 -15.58
N ASN A 518 -10.84 1.93 -15.76
CA ASN A 518 -10.94 3.30 -15.34
C ASN A 518 -12.37 3.43 -14.87
N TRP A 519 -12.54 3.60 -13.57
CA TRP A 519 -13.87 3.76 -12.97
C TRP A 519 -14.28 5.26 -12.99
N PHE A 520 -13.41 6.12 -13.48
CA PHE A 520 -13.63 7.52 -13.25
C PHE A 520 -13.90 8.42 -14.52
N ARG A 521 -14.23 7.78 -15.62
CA ARG A 521 -14.44 8.61 -16.82
C ARG A 521 -15.73 9.49 -16.61
N LYS A 522 -15.69 10.73 -17.08
CA LYS A 522 -16.78 11.66 -16.73
C LYS A 522 -17.31 12.22 -18.00
N ASP A 523 -18.55 12.70 -17.96
CA ASP A 523 -19.09 13.38 -19.16
C ASP A 523 -18.68 14.85 -19.02
N LYS A 524 -19.16 15.70 -19.92
CA LYS A 524 -18.73 17.08 -19.97
C LYS A 524 -19.11 17.91 -18.74
N GLU A 525 -20.07 17.42 -17.96
CA GLU A 525 -20.43 18.13 -16.76
C GLU A 525 -19.67 17.59 -15.58
N GLY A 526 -18.72 16.71 -15.88
CA GLY A 526 -17.93 16.08 -14.83
C GLY A 526 -18.69 15.00 -14.06
N LYS A 527 -19.78 14.45 -14.60
CA LYS A 527 -20.43 13.37 -13.86
C LYS A 527 -19.93 12.01 -14.32
N PHE A 528 -19.81 11.08 -13.38
CA PHE A 528 -19.32 9.76 -13.72
C PHE A 528 -20.18 9.03 -14.72
N LEU A 529 -19.60 8.51 -15.77
CA LEU A 529 -20.32 7.67 -16.74
C LEU A 529 -20.63 6.28 -16.18
N TRP A 530 -19.94 5.89 -15.13
CA TRP A 530 -20.05 4.53 -14.68
C TRP A 530 -20.28 4.56 -13.20
N PRO A 531 -21.27 3.81 -12.71
CA PRO A 531 -21.60 3.82 -11.28
C PRO A 531 -20.59 3.17 -10.38
N GLY A 532 -19.80 2.19 -10.83
CA GLY A 532 -18.74 1.68 -9.94
C GLY A 532 -19.24 0.96 -8.67
N PHE A 533 -18.37 0.83 -7.69
CA PHE A 533 -18.66 0.03 -6.51
C PHE A 533 -19.01 -1.40 -6.92
N GLY A 534 -20.10 -1.95 -6.39
CA GLY A 534 -20.53 -3.32 -6.71
C GLY A 534 -20.73 -3.65 -8.18
N GLU A 535 -21.06 -2.61 -8.97
CA GLU A 535 -21.26 -2.76 -10.40
C GLU A 535 -19.95 -3.02 -11.12
N ASN A 536 -18.84 -2.67 -10.49
CA ASN A 536 -17.60 -3.13 -11.05
C ASN A 536 -17.52 -4.67 -11.27
N SER A 537 -18.35 -5.46 -10.57
CA SER A 537 -18.36 -6.86 -10.78
C SER A 537 -18.64 -7.17 -12.23
N ARG A 538 -19.35 -6.29 -12.94
CA ARG A 538 -19.62 -6.53 -14.45
C ARG A 538 -18.38 -6.49 -15.27
N VAL A 539 -17.49 -5.61 -14.84
CA VAL A 539 -16.21 -5.55 -15.54
C VAL A 539 -15.36 -6.80 -15.19
N LEU A 540 -15.34 -7.21 -13.94
CA LEU A 540 -14.58 -8.42 -13.51
C LEU A 540 -15.12 -9.62 -14.25
N GLU A 541 -16.44 -9.63 -14.45
CA GLU A 541 -17.07 -10.78 -15.19
C GLU A 541 -16.49 -10.86 -16.60
N TRP A 542 -16.38 -9.73 -17.27
CA TRP A 542 -15.85 -9.80 -18.63
C TRP A 542 -14.34 -10.28 -18.62
N MET A 543 -13.52 -9.76 -17.71
CA MET A 543 -12.12 -10.22 -17.61
C MET A 543 -12.05 -11.74 -17.39
N PHE A 544 -12.83 -12.20 -16.40
CA PHE A 544 -12.99 -13.63 -16.06
C PHE A 544 -13.29 -14.47 -17.31
N ASN A 545 -14.29 -14.07 -18.05
CA ASN A 545 -14.60 -14.82 -19.27
C ASN A 545 -13.50 -14.68 -20.35
N ARG A 546 -12.85 -13.50 -20.41
CA ARG A 546 -11.72 -13.39 -21.35
C ARG A 546 -10.63 -14.34 -20.92
N ILE A 547 -10.33 -14.42 -19.61
CA ILE A 547 -9.29 -15.33 -19.21
C ILE A 547 -9.64 -16.76 -19.70
N ASP A 548 -10.96 -17.06 -19.74
CA ASP A 548 -11.40 -18.39 -20.16
C ASP A 548 -11.49 -18.53 -21.66
N GLY A 549 -11.04 -17.50 -22.35
CA GLY A 549 -10.97 -17.67 -23.77
C GLY A 549 -12.27 -17.27 -24.40
N SER A 552 -16.54 -11.89 -25.86
CA SER A 552 -15.21 -11.93 -26.46
C SER A 552 -14.79 -10.45 -26.86
N THR A 553 -13.85 -10.27 -27.79
CA THR A 553 -13.27 -8.92 -28.01
C THR A 553 -13.57 -8.13 -29.28
N LYS A 554 -13.20 -6.87 -29.18
CA LYS A 554 -13.26 -5.95 -30.30
C LYS A 554 -11.90 -5.29 -30.31
N LEU A 555 -11.18 -5.41 -31.42
CA LEU A 555 -9.83 -4.85 -31.51
C LEU A 555 -9.84 -3.30 -31.58
N THR A 556 -8.95 -2.62 -30.84
CA THR A 556 -8.86 -1.17 -31.00
C THR A 556 -7.39 -0.87 -30.97
N PRO A 557 -6.96 0.35 -31.21
CA PRO A 557 -5.50 0.62 -31.20
C PRO A 557 -4.88 0.48 -29.84
N ILE A 558 -5.69 0.62 -28.78
CA ILE A 558 -5.09 0.58 -27.44
C ILE A 558 -5.18 -0.78 -26.83
N GLY A 559 -5.76 -1.74 -27.55
CA GLY A 559 -5.98 -3.03 -27.01
C GLY A 559 -7.44 -3.51 -27.26
N TYR A 560 -7.85 -4.62 -26.69
CA TYR A 560 -9.25 -5.10 -26.90
C TYR A 560 -10.28 -4.48 -25.94
N ILE A 561 -11.48 -4.18 -26.39
CA ILE A 561 -12.52 -3.77 -25.45
C ILE A 561 -13.58 -4.78 -25.65
N PRO A 562 -14.60 -4.74 -24.84
CA PRO A 562 -15.67 -5.72 -25.02
C PRO A 562 -16.42 -5.42 -26.32
N LYS A 563 -16.76 -6.44 -27.08
CA LYS A 563 -17.62 -6.16 -28.24
C LYS A 563 -19.01 -5.74 -27.82
N GLU A 564 -19.73 -5.17 -28.78
CA GLU A 564 -21.03 -4.60 -28.49
C GLU A 564 -21.94 -5.67 -27.82
N ASP A 565 -22.57 -5.26 -26.74
CA ASP A 565 -23.40 -6.11 -25.93
C ASP A 565 -22.73 -7.17 -25.07
N ALA A 566 -21.42 -7.23 -25.10
CA ALA A 566 -20.71 -8.25 -24.31
C ALA A 566 -20.77 -7.94 -22.81
N LEU A 567 -20.60 -6.66 -22.46
CA LEU A 567 -20.69 -6.26 -21.05
C LEU A 567 -22.09 -6.46 -20.54
N ASN A 568 -22.18 -7.11 -19.38
CA ASN A 568 -23.46 -7.35 -18.71
C ASN A 568 -23.99 -6.11 -18.02
N LEU A 569 -25.03 -5.54 -18.59
CA LEU A 569 -25.64 -4.36 -18.06
C LEU A 569 -27.01 -4.64 -17.40
N LYS A 570 -27.42 -5.90 -17.35
CA LYS A 570 -28.71 -6.23 -16.73
C LYS A 570 -28.89 -5.70 -15.34
N GLY A 571 -29.95 -4.93 -15.13
CA GLY A 571 -30.25 -4.41 -13.80
C GLY A 571 -29.72 -3.01 -13.54
N LEU A 572 -28.99 -2.48 -14.53
CA LEU A 572 -28.52 -1.12 -14.38
C LEU A 572 -29.42 -0.15 -15.10
N GLY A 573 -29.38 1.08 -14.62
CA GLY A 573 -30.02 2.22 -15.27
C GLY A 573 -29.26 2.41 -16.55
N HIS A 574 -29.58 3.46 -17.28
CA HIS A 574 -28.96 3.63 -18.58
C HIS A 574 -27.45 3.91 -18.40
N ILE A 575 -26.65 3.43 -19.34
CA ILE A 575 -25.24 3.69 -19.34
C ILE A 575 -24.97 4.16 -20.73
N ASN A 576 -24.26 5.28 -20.80
CA ASN A 576 -23.82 5.75 -22.09
C ASN A 576 -22.61 4.93 -22.58
N MET A 577 -22.84 3.73 -23.11
CA MET A 577 -21.74 2.88 -23.57
C MET A 577 -20.78 3.53 -24.60
N MET A 578 -21.39 4.21 -25.57
CA MET A 578 -20.63 4.85 -26.65
C MET A 578 -19.55 5.83 -26.13
N GLU A 579 -19.91 6.63 -25.12
CA GLU A 579 -18.98 7.66 -24.60
C GLU A 579 -18.00 6.98 -23.66
N LEU A 580 -18.49 5.99 -22.92
CA LEU A 580 -17.66 5.31 -21.95
C LEU A 580 -16.53 4.56 -22.69
N PHE A 581 -16.85 4.06 -23.89
CA PHE A 581 -15.82 3.22 -24.53
C PHE A 581 -15.20 3.97 -25.68
N SER A 582 -15.52 5.24 -25.80
CA SER A 582 -14.98 6.06 -26.88
C SER A 582 -13.42 6.23 -26.85
N ILE A 583 -12.79 6.04 -28.00
CA ILE A 583 -11.34 6.19 -28.14
C ILE A 583 -11.14 7.14 -29.30
N SER A 584 -10.81 8.37 -29.00
CA SER A 584 -10.55 9.39 -29.98
C SER A 584 -9.07 9.47 -30.40
N LYS A 585 -8.84 9.55 -31.70
CA LYS A 585 -7.49 9.68 -32.24
C LYS A 585 -6.79 10.84 -31.57
N GLU A 586 -7.49 11.95 -31.39
CA GLU A 586 -6.83 13.14 -30.86
C GLU A 586 -6.42 13.03 -29.39
N PHE A 587 -7.30 12.47 -28.59
CA PHE A 587 -6.91 12.24 -27.24
C PHE A 587 -5.71 11.30 -27.25
N TRP A 588 -5.75 10.24 -28.01
CA TRP A 588 -4.71 9.28 -27.93
C TRP A 588 -3.38 9.73 -28.60
N ASP A 589 -3.50 10.68 -29.54
CA ASP A 589 -2.25 11.19 -30.16
C ASP A 589 -1.47 11.82 -29.08
N LYS A 590 -2.13 12.70 -28.31
CA LYS A 590 -1.52 13.34 -27.13
C LYS A 590 -1.10 12.36 -26.03
N GLU A 591 -1.93 11.35 -25.76
CA GLU A 591 -1.56 10.37 -24.72
C GLU A 591 -0.21 9.74 -25.03
N VAL A 592 -0.08 9.14 -26.22
CA VAL A 592 1.12 8.42 -26.51
C VAL A 592 2.35 9.32 -26.57
N GLU A 593 2.14 10.56 -27.01
CA GLU A 593 3.23 11.57 -27.03
C GLU A 593 3.66 11.83 -25.59
N ASP A 594 2.68 11.98 -24.74
CA ASP A 594 2.97 12.15 -23.28
C ASP A 594 3.74 10.93 -22.72
N ILE A 595 3.25 9.71 -22.95
CA ILE A 595 3.87 8.48 -22.48
C ILE A 595 5.28 8.33 -23.02
N GLU A 596 5.43 8.56 -24.32
CA GLU A 596 6.79 8.51 -24.84
C GLU A 596 7.69 9.52 -24.16
N LYS A 597 7.21 10.75 -24.06
CA LYS A 597 8.10 11.72 -23.50
C LYS A 597 8.51 11.26 -22.13
N TYR A 598 7.54 10.94 -21.28
CA TYR A 598 7.80 10.46 -19.92
C TYR A 598 8.78 9.30 -19.85
N LEU A 599 8.52 8.26 -20.61
CA LEU A 599 9.39 7.12 -20.50
C LEU A 599 10.83 7.32 -21.01
N VAL A 600 10.95 8.01 -22.11
CA VAL A 600 12.30 8.24 -22.67
C VAL A 600 13.01 9.23 -21.79
N ASP A 601 12.30 10.21 -21.27
CA ASP A 601 13.02 11.15 -20.44
C ASP A 601 13.46 10.56 -19.05
N GLN A 602 12.51 9.93 -18.35
CA GLN A 602 12.76 9.48 -17.00
C GLN A 602 13.54 8.18 -17.00
N VAL A 603 13.39 7.34 -18.03
CA VAL A 603 14.03 6.02 -18.02
C VAL A 603 15.34 6.05 -18.86
N ASN A 604 15.35 6.86 -19.91
CA ASN A 604 16.60 7.20 -20.61
C ASN A 604 17.36 5.97 -21.01
N ALA A 605 18.59 5.80 -20.51
CA ALA A 605 19.48 4.76 -21.03
C ALA A 605 19.04 3.39 -20.49
N ASP A 606 18.13 3.41 -19.49
CA ASP A 606 17.65 2.13 -18.98
C ASP A 606 16.33 1.63 -19.55
N LEU A 607 15.76 2.30 -20.53
CA LEU A 607 14.49 1.87 -20.97
C LEU A 607 14.65 0.66 -21.93
N PRO A 608 14.02 -0.47 -21.60
CA PRO A 608 14.23 -1.69 -22.43
C PRO A 608 13.77 -1.53 -23.89
N CYS A 609 14.48 -2.12 -24.85
CA CYS A 609 14.03 -1.95 -26.26
C CYS A 609 12.61 -2.50 -26.43
N GLU A 610 12.22 -3.54 -25.68
CA GLU A 610 10.83 -4.02 -25.85
C GLU A 610 9.81 -2.91 -25.62
N ILE A 611 10.10 -2.02 -24.67
CA ILE A 611 9.22 -0.92 -24.39
C ILE A 611 9.18 0.15 -25.46
N GLU A 612 10.38 0.50 -25.92
CA GLU A 612 10.48 1.37 -27.07
C GLU A 612 9.60 0.83 -28.21
N ARG A 613 9.67 -0.48 -28.46
CA ARG A 613 8.92 -0.95 -29.61
C ARG A 613 7.43 -0.81 -29.31
N GLU A 614 7.07 -1.04 -28.04
CA GLU A 614 5.65 -0.91 -27.77
C GLU A 614 5.21 0.53 -27.92
N ILE A 615 6.08 1.49 -27.59
CA ILE A 615 5.64 2.90 -27.75
C ILE A 615 5.41 3.18 -29.23
N LEU A 616 6.37 2.77 -30.02
CA LEU A 616 6.24 3.05 -31.44
C LEU A 616 4.99 2.38 -32.06
N ALA A 617 4.79 1.13 -31.70
CA ALA A 617 3.69 0.36 -32.22
C ALA A 617 2.31 1.00 -31.91
N LEU A 618 2.20 1.63 -30.75
CA LEU A 618 0.94 2.21 -30.35
C LEU A 618 0.75 3.42 -31.26
N LYS A 619 1.82 4.16 -31.47
CA LYS A 619 1.85 5.35 -32.38
C LYS A 619 1.46 4.85 -33.71
N GLN A 620 2.09 3.79 -34.18
CA GLN A 620 1.68 3.25 -35.48
C GLN A 620 0.18 2.91 -35.48
N ARG A 621 -0.34 2.28 -34.41
CA ARG A 621 -1.75 1.90 -34.50
C ARG A 621 -2.64 3.11 -34.49
N ILE A 622 -2.27 4.08 -33.69
CA ILE A 622 -3.07 5.29 -33.59
C ILE A 622 -3.08 6.09 -34.89
N SER A 623 -1.95 6.03 -35.61
CA SER A 623 -1.83 6.74 -36.87
C SER A 623 -2.69 6.09 -37.92
N GLN A 624 -3.13 4.88 -37.65
CA GLN A 624 -3.97 4.26 -38.65
C GLN A 624 -5.43 4.62 -38.47
N MET A 625 -5.78 5.32 -37.40
CA MET A 625 -7.21 5.68 -37.30
C MET A 625 -7.58 6.91 -38.10
MN MN B . -0.68 1.41 -0.88
NA NA C . -0.18 9.25 1.73
C1 PEP D . 0.55 6.84 4.64
O1 PEP D . 0.16 8.00 4.51
O2' PEP D . 1.05 6.60 5.78
C2 PEP D . 0.55 5.83 3.50
C3 PEP D . 0.74 4.52 3.43
O2 PEP D . 0.21 6.62 2.47
P PEP D . -0.39 5.97 0.99
O1P PEP D . -0.89 6.98 -0.01
O2P PEP D . 0.91 5.05 0.44
O3P PEP D . -1.51 4.70 1.24
C1 EDO E . -1.87 -9.97 -22.20
O1 EDO E . -3.06 -10.41 -21.60
C2 EDO E . -0.76 -10.38 -21.26
O2 EDO E . -0.79 -11.76 -21.18
C1 EDO F . -18.65 3.53 10.84
O1 EDO F . -19.77 2.67 10.78
C2 EDO F . -17.54 2.88 11.65
O2 EDO F . -18.06 1.88 12.48
#